data_5HIP
#
_entry.id   5HIP
#
_cell.length_a   61.342
_cell.length_b   61.342
_cell.length_c   146.989
_cell.angle_alpha   90.000
_cell.angle_beta   90.000
_cell.angle_gamma   120.000
#
_symmetry.space_group_name_H-M   'P 32 2 1'
#
loop_
_entity.id
_entity.type
_entity.pdbx_description
1 polymer PqsE
2 non-polymer 'FE (III) ION'
3 non-polymer '2-(pyridin-3-yl)benzoic acid'
4 water water
#
_entity_poly.entity_id   1
_entity_poly.type   'polypeptide(L)'
_entity_poly.pdbx_seq_one_letter_code
;GHMLRLSAPGQLDDDLCLLGDVQVPVFLLRLGEASWALVEGGISRDAELVWADLCRWVADPSQVHYWLITHKHYDHCGLL
PYLCPRLPNVQVLASERTCQAWKSESAVRVVERLNRQLLRAEQRLPEACAWDALPVRAVADGEWLELGPRHRLQVIEAHG
HSDDHVVFYDVRRRRLFCGDALGEFDEAEGVWRPLVFDDMEAYLESLERLQRLPTLLQLIPGHGGLLRGRLAADGAESAY
TECLRLCRRLLWRQSMGESLDELSEELHRAWGGQSVDFLPGELHLGSMRRMLEILSRQALPLD
;
_entity_poly.pdbx_strand_id   A
#
loop_
_chem_comp.id
_chem_comp.type
_chem_comp.name
_chem_comp.formula
61O non-polymer '2-(pyridin-3-yl)benzoic acid' 'C12 H9 N O2'
FE non-polymer 'FE (III) ION' 'Fe 3'
#
# COMPACT_ATOMS: atom_id res chain seq x y z
N HIS A 2 9.68 18.00 6.31
CA HIS A 2 8.57 18.91 5.84
C HIS A 2 7.29 18.83 6.63
N MET A 3 6.64 19.98 6.86
CA MET A 3 5.40 20.05 7.63
C MET A 3 4.20 19.38 6.95
N LEU A 4 4.22 19.15 5.63
CA LEU A 4 3.09 18.53 4.94
C LEU A 4 3.20 17.02 4.82
N ARG A 5 4.29 16.45 5.31
CA ARG A 5 4.54 15.01 5.34
C ARG A 5 4.98 14.62 6.74
N LEU A 6 4.17 13.79 7.40
CA LEU A 6 4.55 13.15 8.67
C LEU A 6 5.18 11.79 8.39
N SER A 7 6.45 11.65 8.74
CA SER A 7 7.20 10.50 8.33
C SER A 7 8.09 9.97 9.43
N ALA A 8 7.55 9.87 10.64
CA ALA A 8 8.24 9.31 11.78
C ALA A 8 7.38 8.24 12.45
N PRO A 9 7.99 7.17 12.97
CA PRO A 9 7.24 6.20 13.75
C PRO A 9 6.57 6.86 14.94
N GLY A 10 5.49 6.25 15.43
CA GLY A 10 4.77 6.78 16.58
C GLY A 10 3.47 7.47 16.21
N GLN A 11 3.01 8.32 17.12
CA GLN A 11 1.71 8.97 16.99
C GLN A 11 1.68 9.97 15.84
N LEU A 12 0.66 9.86 14.99
CA LEU A 12 0.41 10.77 13.89
C LEU A 12 -0.79 11.66 14.09
N ASP A 13 -1.82 11.17 14.77
CA ASP A 13 -3.02 11.92 15.08
C ASP A 13 -3.58 11.36 16.40
N ASP A 14 -4.65 11.99 16.89
CA ASP A 14 -5.27 11.52 18.15
C ASP A 14 -5.54 10.03 18.14
N ASP A 15 -5.93 9.48 17.00
CA ASP A 15 -6.40 8.11 16.91
C ASP A 15 -5.46 7.17 16.15
N LEU A 16 -4.29 7.66 15.70
CA LEU A 16 -3.54 7.01 14.62
C LEU A 16 -2.05 6.98 14.92
N CYS A 17 -1.46 5.79 14.86
CA CYS A 17 -0.03 5.61 14.99
C CYS A 17 0.54 4.90 13.76
N LEU A 18 1.81 5.17 13.48
CA LEU A 18 2.62 4.49 12.49
C LEU A 18 3.51 3.49 13.22
N LEU A 19 3.36 2.23 12.87
CA LEU A 19 4.16 1.13 13.40
C LEU A 19 5.21 0.71 12.37
N GLY A 20 6.38 0.35 12.84
CA GLY A 20 7.43 -0.12 11.95
C GLY A 20 8.14 1.00 11.21
N ASP A 21 8.63 0.63 10.03
CA ASP A 21 9.42 1.46 9.14
CA ASP A 21 9.41 1.52 9.19
C ASP A 21 8.47 2.32 8.29
N VAL A 22 8.74 3.61 8.21
CA VAL A 22 7.96 4.53 7.38
CA VAL A 22 7.90 4.48 7.39
C VAL A 22 7.90 4.10 5.92
N GLN A 23 8.93 3.38 5.44
CA GLN A 23 8.93 2.97 4.04
C GLN A 23 7.93 1.83 3.78
N VAL A 24 7.63 0.97 4.75
CA VAL A 24 6.57 -0.05 4.61
CA VAL A 24 6.56 -0.03 4.61
C VAL A 24 5.78 -0.11 5.91
N PRO A 25 4.96 0.90 6.20
CA PRO A 25 4.35 1.04 7.52
C PRO A 25 3.08 0.23 7.70
N VAL A 26 2.82 -0.06 8.96
CA VAL A 26 1.55 -0.58 9.42
C VAL A 26 0.93 0.48 10.33
N PHE A 27 -0.27 0.89 9.98
CA PHE A 27 -0.98 1.91 10.74
C PHE A 27 -1.91 1.30 11.79
N LEU A 28 -1.96 1.96 12.93
CA LEU A 28 -2.73 1.51 14.08
C LEU A 28 -3.78 2.55 14.40
N LEU A 29 -5.06 2.14 14.28
CA LEU A 29 -6.21 2.96 14.66
C LEU A 29 -6.75 2.56 16.02
N ARG A 30 -6.94 3.57 16.89
CA ARG A 30 -7.61 3.39 18.18
C ARG A 30 -9.12 3.57 17.98
N LEU A 31 -9.86 2.48 18.09
CA LEU A 31 -11.30 2.53 17.88
C LEU A 31 -12.10 2.82 19.15
N GLY A 32 -11.51 2.59 20.32
CA GLY A 32 -12.22 2.79 21.55
C GLY A 32 -11.27 2.50 22.68
N GLU A 33 -11.82 2.40 23.91
CA GLU A 33 -10.98 2.11 25.06
C GLU A 33 -10.30 0.78 24.91
N ALA A 34 -10.97 -0.18 24.29
CA ALA A 34 -10.46 -1.55 24.25
C ALA A 34 -10.63 -2.17 22.88
N SER A 35 -10.30 -1.41 21.84
CA SER A 35 -10.52 -1.88 20.47
C SER A 35 -9.61 -1.12 19.54
N TRP A 36 -8.98 -1.85 18.63
CA TRP A 36 -7.98 -1.30 17.73
C TRP A 36 -8.09 -2.01 16.38
N ALA A 37 -7.62 -1.31 15.33
CA ALA A 37 -7.47 -1.89 14.01
C ALA A 37 -6.08 -1.61 13.45
N LEU A 38 -5.68 -2.46 12.51
CA LEU A 38 -4.48 -2.24 11.73
C LEU A 38 -4.86 -1.96 10.27
N VAL A 39 -4.07 -1.14 9.60
CA VAL A 39 -4.23 -0.89 8.17
C VAL A 39 -2.89 -1.06 7.48
N GLU A 40 -2.88 -1.87 6.40
CA GLU A 40 -1.74 -2.27 5.58
C GLU A 40 -1.00 -3.43 6.24
N GLY A 41 -0.47 -4.33 5.43
CA GLY A 41 0.03 -5.58 5.95
C GLY A 41 1.51 -5.88 5.79
N GLY A 42 2.31 -4.92 5.35
CA GLY A 42 3.81 -4.92 5.40
C GLY A 42 4.51 -6.09 4.76
N ILE A 43 5.82 -6.23 5.13
CA ILE A 43 6.71 -7.30 4.69
C ILE A 43 6.99 -8.21 5.87
N SER A 44 7.04 -9.52 5.59
CA SER A 44 7.17 -10.55 6.61
C SER A 44 8.31 -10.29 7.60
N ARG A 45 9.49 -9.89 7.10
CA ARG A 45 10.67 -9.74 7.96
C ARG A 45 10.54 -8.66 9.03
N ASP A 46 9.49 -7.86 8.99
CA ASP A 46 9.29 -6.80 9.96
C ASP A 46 8.38 -7.25 11.08
N ALA A 47 8.06 -8.54 11.11
CA ALA A 47 7.14 -9.05 12.12
C ALA A 47 7.52 -8.64 13.54
N GLU A 48 8.75 -8.92 13.97
CA GLU A 48 9.12 -8.59 15.35
C GLU A 48 9.19 -7.09 15.60
N LEU A 49 9.58 -6.34 14.58
CA LEU A 49 9.62 -4.90 14.75
C LEU A 49 8.23 -4.34 14.93
N VAL A 50 7.31 -4.72 14.04
CA VAL A 50 5.95 -4.19 14.10
C VAL A 50 5.26 -4.66 15.38
N TRP A 51 5.52 -5.92 15.76
CA TRP A 51 4.94 -6.46 16.99
C TRP A 51 5.40 -5.69 18.21
N ALA A 52 6.70 -5.45 18.31
CA ALA A 52 7.23 -4.68 19.43
C ALA A 52 6.58 -3.29 19.47
N ASP A 53 6.53 -2.60 18.34
CA ASP A 53 5.92 -1.27 18.30
C ASP A 53 4.46 -1.34 18.72
N LEU A 54 3.74 -2.32 18.19
CA LEU A 54 2.35 -2.50 18.56
C LEU A 54 2.18 -2.62 20.07
N CYS A 55 3.00 -3.44 20.71
CA CYS A 55 2.84 -3.68 22.15
C CYS A 55 3.14 -2.44 23.00
N ARG A 56 3.84 -1.44 22.46
CA ARG A 56 3.99 -0.18 23.19
C ARG A 56 2.68 0.58 23.29
N TRP A 57 1.76 0.38 22.36
CA TRP A 57 0.50 1.09 22.37
C TRP A 57 -0.66 0.24 22.85
N VAL A 58 -0.59 -1.07 22.67
CA VAL A 58 -1.71 -1.97 22.90
C VAL A 58 -1.28 -2.94 23.99
N ALA A 59 -1.80 -2.75 25.22
CA ALA A 59 -1.34 -3.59 26.32
C ALA A 59 -1.88 -5.00 26.18
N ASP A 60 -3.07 -5.16 25.58
CA ASP A 60 -3.70 -6.46 25.39
C ASP A 60 -4.03 -6.63 23.91
N PRO A 61 -3.21 -7.38 23.16
CA PRO A 61 -3.44 -7.49 21.70
C PRO A 61 -4.65 -8.32 21.30
N SER A 62 -5.36 -8.96 22.24
CA SER A 62 -6.67 -9.52 21.91
C SER A 62 -7.69 -8.44 21.60
N GLN A 63 -7.37 -7.17 21.90
CA GLN A 63 -8.20 -6.03 21.51
C GLN A 63 -8.01 -5.60 20.05
N VAL A 64 -7.10 -6.22 19.31
CA VAL A 64 -6.94 -5.90 17.89
C VAL A 64 -7.98 -6.70 17.12
N HIS A 65 -8.99 -6.01 16.56
CA HIS A 65 -10.19 -6.63 16.01
C HIS A 65 -10.26 -6.64 14.49
N TYR A 66 -9.61 -5.71 13.80
CA TYR A 66 -9.65 -5.65 12.35
C TYR A 66 -8.25 -5.40 11.80
N TRP A 67 -8.03 -5.92 10.59
CA TRP A 67 -6.81 -5.67 9.85
C TRP A 67 -7.21 -5.41 8.39
N LEU A 68 -7.07 -4.17 7.93
CA LEU A 68 -7.55 -3.78 6.60
C LEU A 68 -6.39 -3.84 5.62
N ILE A 69 -6.64 -4.42 4.44
CA ILE A 69 -5.60 -4.76 3.48
C ILE A 69 -5.96 -4.16 2.13
N THR A 70 -5.04 -3.37 1.56
CA THR A 70 -5.33 -2.73 0.28
C THR A 70 -5.14 -3.68 -0.89
N HIS A 71 -4.10 -4.52 -0.89
CA HIS A 71 -3.91 -5.35 -2.08
C HIS A 71 -2.91 -6.48 -1.79
N LYS A 72 -2.82 -7.40 -2.74
CA LYS A 72 -2.15 -8.69 -2.61
C LYS A 72 -0.63 -8.63 -2.82
N HIS A 73 -0.05 -7.49 -3.12
CA HIS A 73 1.38 -7.46 -3.34
C HIS A 73 2.11 -7.86 -2.08
N TYR A 74 3.30 -8.44 -2.25
CA TYR A 74 4.01 -9.09 -1.15
C TYR A 74 4.35 -8.11 -0.05
N ASP A 75 4.49 -6.82 -0.37
CA ASP A 75 4.81 -5.82 0.62
C ASP A 75 3.57 -5.19 1.28
N HIS A 76 2.39 -5.74 1.06
CA HIS A 76 1.18 -5.20 1.67
C HIS A 76 0.37 -6.28 2.39
N CYS A 77 0.88 -7.51 2.45
CA CYS A 77 0.23 -8.58 3.19
C CYS A 77 1.23 -9.57 3.78
N GLY A 78 2.53 -9.28 3.74
CA GLY A 78 3.54 -10.22 4.21
C GLY A 78 3.51 -10.49 5.71
N LEU A 79 2.94 -9.61 6.51
CA LEU A 79 2.91 -9.84 7.94
C LEU A 79 1.78 -10.78 8.36
N LEU A 80 0.75 -10.95 7.53
CA LEU A 80 -0.48 -11.62 7.96
C LEU A 80 -0.24 -12.98 8.58
N PRO A 81 0.46 -13.93 7.96
CA PRO A 81 0.66 -15.24 8.59
C PRO A 81 1.49 -15.20 9.86
N TYR A 82 2.34 -14.19 10.04
CA TYR A 82 3.26 -14.18 11.17
C TYR A 82 2.67 -13.50 12.39
N LEU A 83 1.86 -12.47 12.22
CA LEU A 83 1.23 -11.83 13.37
C LEU A 83 -0.17 -12.36 13.69
N CYS A 84 -0.92 -12.93 12.69
CA CYS A 84 -2.20 -13.64 12.85
C CYS A 84 -2.29 -14.40 14.16
N PRO A 85 -1.39 -15.36 14.40
CA PRO A 85 -1.47 -16.18 15.61
C PRO A 85 -1.37 -15.40 16.91
N ARG A 86 -0.78 -14.21 16.91
CA ARG A 86 -0.64 -13.38 18.09
C ARG A 86 -1.82 -12.45 18.29
N LEU A 87 -2.80 -12.48 17.41
CA LEU A 87 -3.94 -11.55 17.42
C LEU A 87 -5.19 -12.40 17.35
N PRO A 88 -5.61 -12.97 18.48
CA PRO A 88 -6.63 -14.04 18.44
C PRO A 88 -8.02 -13.59 18.04
N ASN A 89 -8.33 -12.30 18.15
CA ASN A 89 -9.63 -11.78 17.77
C ASN A 89 -9.62 -11.02 16.45
N VAL A 90 -8.52 -11.01 15.69
CA VAL A 90 -8.47 -10.12 14.53
C VAL A 90 -9.28 -10.73 13.38
N GLN A 91 -9.91 -9.86 12.60
CA GLN A 91 -10.56 -10.24 11.34
C GLN A 91 -9.85 -9.48 10.24
N VAL A 92 -9.34 -10.20 9.25
CA VAL A 92 -8.69 -9.54 8.11
C VAL A 92 -9.77 -9.13 7.11
N LEU A 93 -9.77 -7.87 6.71
CA LEU A 93 -10.75 -7.33 5.78
C LEU A 93 -10.01 -7.02 4.50
N ALA A 94 -10.38 -7.70 3.42
CA ALA A 94 -9.73 -7.56 2.13
C ALA A 94 -10.75 -7.80 1.02
N SER A 95 -10.44 -7.33 -0.19
CA SER A 95 -11.34 -7.53 -1.30
C SER A 95 -11.47 -9.03 -1.61
N GLU A 96 -12.47 -9.36 -2.43
CA GLU A 96 -12.66 -10.74 -2.87
C GLU A 96 -11.47 -11.24 -3.68
N ARG A 97 -11.00 -10.44 -4.65
CA ARG A 97 -9.84 -10.83 -5.44
C ARG A 97 -8.57 -10.93 -4.58
N THR A 98 -8.43 -10.08 -3.56
CA THR A 98 -7.27 -10.18 -2.67
C THR A 98 -7.34 -11.49 -1.87
N CYS A 99 -8.53 -11.83 -1.34
CA CYS A 99 -8.69 -13.08 -0.59
C CYS A 99 -8.39 -14.28 -1.48
N GLN A 100 -8.76 -14.18 -2.76
CA GLN A 100 -8.58 -15.29 -3.69
C GLN A 100 -7.10 -15.59 -3.87
N ALA A 101 -6.29 -14.54 -3.97
CA ALA A 101 -4.86 -14.69 -4.07
C ALA A 101 -4.28 -15.55 -2.95
N TRP A 102 -4.82 -15.44 -1.75
CA TRP A 102 -4.27 -16.19 -0.63
C TRP A 102 -4.68 -17.65 -0.65
N LYS A 103 -5.67 -18.01 -1.46
CA LYS A 103 -6.06 -19.41 -1.70
C LYS A 103 -5.33 -20.03 -2.88
N SER A 104 -4.49 -19.29 -3.57
CA SER A 104 -3.75 -19.82 -4.72
C SER A 104 -2.35 -20.22 -4.27
N GLU A 105 -2.03 -21.50 -4.40
CA GLU A 105 -0.68 -21.94 -4.08
C GLU A 105 0.38 -21.21 -4.89
N SER A 106 0.14 -21.03 -6.19
CA SER A 106 1.15 -20.38 -7.02
C SER A 106 1.34 -18.92 -6.62
N ALA A 107 0.24 -18.21 -6.32
CA ALA A 107 0.37 -16.82 -5.90
C ALA A 107 1.07 -16.71 -4.56
N VAL A 108 0.73 -17.61 -3.63
CA VAL A 108 1.34 -17.58 -2.32
C VAL A 108 2.84 -17.80 -2.43
N ARG A 109 3.25 -18.70 -3.33
CA ARG A 109 4.66 -18.99 -3.54
C ARG A 109 5.45 -17.72 -3.90
N VAL A 110 4.91 -16.91 -4.79
CA VAL A 110 5.61 -15.70 -5.23
C VAL A 110 5.78 -14.74 -4.05
N VAL A 111 4.69 -14.47 -3.33
CA VAL A 111 4.75 -13.62 -2.12
C VAL A 111 5.80 -14.11 -1.13
N GLU A 112 5.84 -15.41 -0.88
CA GLU A 112 6.78 -15.92 0.11
C GLU A 112 8.22 -15.77 -0.35
N ARG A 113 8.48 -16.02 -1.64
CA ARG A 113 9.84 -15.87 -2.18
C ARG A 113 10.30 -14.42 -2.09
N LEU A 114 9.46 -13.48 -2.50
CA LEU A 114 9.86 -12.08 -2.44
C LEU A 114 10.14 -11.64 -1.01
N ASN A 115 9.28 -12.01 -0.06
CA ASN A 115 9.51 -11.65 1.33
C ASN A 115 10.74 -12.33 1.90
N ARG A 116 11.03 -13.55 1.47
CA ARG A 116 12.21 -14.19 2.03
C ARG A 116 13.52 -13.62 1.47
N GLN A 117 13.51 -13.01 0.28
CA GLN A 117 14.69 -12.30 -0.18
C GLN A 117 15.08 -11.12 0.70
N LEU A 118 14.19 -10.67 1.59
CA LEU A 118 14.41 -9.50 2.41
C LEU A 118 14.81 -9.82 3.84
N LEU A 119 14.97 -11.10 4.18
CA LEU A 119 15.41 -11.45 5.52
C LEU A 119 16.88 -11.09 5.69
N ARG A 120 17.22 -10.45 6.80
CA ARG A 120 18.63 -10.32 7.14
C ARG A 120 19.18 -11.71 7.43
N ALA A 121 20.48 -11.88 7.19
CA ALA A 121 21.12 -13.16 7.45
C ALA A 121 20.85 -13.60 8.88
N GLU A 122 20.64 -14.91 9.05
CA GLU A 122 20.36 -15.53 10.34
C GLU A 122 19.01 -15.14 10.92
N GLN A 123 18.17 -14.41 10.18
CA GLN A 123 16.88 -13.97 10.68
C GLN A 123 15.86 -15.09 10.49
N ARG A 124 15.22 -15.51 11.57
CA ARG A 124 14.19 -16.55 11.54
C ARG A 124 12.82 -15.94 11.81
N LEU A 125 11.81 -16.43 11.11
CA LEU A 125 10.48 -15.87 11.22
C LEU A 125 9.64 -16.64 12.24
N PRO A 126 8.69 -15.98 12.90
CA PRO A 126 7.84 -16.69 13.87
C PRO A 126 7.01 -17.76 13.18
N GLU A 127 6.39 -18.61 14.00
CA GLU A 127 5.43 -19.58 13.50
C GLU A 127 4.29 -18.89 12.76
N ALA A 128 3.88 -19.47 11.63
CA ALA A 128 2.95 -18.85 10.68
C ALA A 128 1.62 -19.61 10.54
N CYS A 129 0.50 -18.88 10.53
CA CYS A 129 -0.77 -19.42 10.04
C CYS A 129 -0.61 -19.83 8.58
N ALA A 130 -1.34 -20.86 8.17
CA ALA A 130 -1.39 -21.16 6.75
C ALA A 130 -2.06 -20.01 6.02
N TRP A 131 -1.54 -19.66 4.84
CA TRP A 131 -2.13 -18.57 4.09
C TRP A 131 -3.62 -18.82 3.85
N ASP A 132 -4.02 -20.05 3.62
CA ASP A 132 -5.41 -20.33 3.28
C ASP A 132 -6.29 -20.48 4.52
N ALA A 133 -5.73 -20.26 5.70
CA ALA A 133 -6.45 -20.34 6.97
C ALA A 133 -6.51 -18.99 7.66
N LEU A 134 -6.22 -17.91 6.96
CA LEU A 134 -6.26 -16.60 7.59
C LEU A 134 -7.70 -16.27 7.98
N PRO A 135 -7.90 -15.53 9.08
CA PRO A 135 -9.28 -15.20 9.49
C PRO A 135 -9.79 -14.01 8.68
N VAL A 136 -10.22 -14.29 7.47
CA VAL A 136 -10.48 -13.23 6.51
CA VAL A 136 -10.49 -13.25 6.48
C VAL A 136 -11.98 -13.08 6.33
N ARG A 137 -12.39 -11.85 6.03
CA ARG A 137 -13.75 -11.55 5.62
C ARG A 137 -13.66 -10.67 4.39
N ALA A 138 -14.23 -11.15 3.29
CA ALA A 138 -14.14 -10.42 2.03
C ALA A 138 -15.09 -9.24 2.08
N VAL A 139 -14.62 -8.07 1.61
CA VAL A 139 -15.43 -6.86 1.60
C VAL A 139 -15.62 -6.39 0.15
N ALA A 140 -16.76 -5.74 -0.10
CA ALA A 140 -17.15 -5.35 -1.45
C ALA A 140 -16.95 -3.86 -1.74
N ASP A 141 -16.94 -3.54 -3.03
CA ASP A 141 -16.86 -2.15 -3.46
C ASP A 141 -18.04 -1.35 -2.91
N GLY A 142 -17.78 -0.22 -2.27
CA GLY A 142 -18.84 0.57 -1.69
C GLY A 142 -19.27 0.18 -0.27
N GLU A 143 -18.78 -0.93 0.28
CA GLU A 143 -19.18 -1.38 1.62
C GLU A 143 -18.66 -0.46 2.72
N TRP A 144 -19.51 -0.21 3.71
CA TRP A 144 -19.15 0.60 4.87
C TRP A 144 -18.69 -0.32 5.99
N LEU A 145 -17.49 -0.09 6.47
CA LEU A 145 -16.90 -0.87 7.55
C LEU A 145 -17.12 -0.07 8.81
N GLU A 146 -18.03 -0.55 9.65
CA GLU A 146 -18.36 0.07 10.93
C GLU A 146 -17.38 -0.49 11.94
N LEU A 147 -16.24 0.17 12.08
CA LEU A 147 -15.18 -0.38 12.90
C LEU A 147 -15.34 -0.01 14.37
N GLY A 148 -15.87 1.18 14.66
CA GLY A 148 -16.09 1.62 16.01
C GLY A 148 -17.05 2.79 16.03
N PRO A 149 -17.36 3.29 17.22
CA PRO A 149 -18.31 4.40 17.34
C PRO A 149 -17.93 5.64 16.57
N ARG A 150 -16.63 5.92 16.42
CA ARG A 150 -16.21 7.11 15.67
C ARG A 150 -15.31 6.73 14.50
N HIS A 151 -15.40 5.48 14.02
CA HIS A 151 -14.60 5.01 12.91
C HIS A 151 -15.51 4.23 11.96
N ARG A 152 -15.75 4.83 10.80
CA ARG A 152 -16.57 4.29 9.74
C ARG A 152 -15.78 4.51 8.46
N LEU A 153 -15.36 3.47 7.77
CA LEU A 153 -14.54 3.60 6.58
C LEU A 153 -15.21 2.93 5.39
N GLN A 154 -15.19 3.59 4.23
CA GLN A 154 -15.82 3.06 3.03
C GLN A 154 -14.79 2.40 2.11
N VAL A 155 -15.11 1.19 1.65
CA VAL A 155 -14.26 0.50 0.68
C VAL A 155 -14.52 1.06 -0.70
N ILE A 156 -13.46 1.38 -1.44
CA ILE A 156 -13.59 1.88 -2.80
C ILE A 156 -12.66 1.10 -3.71
N GLU A 157 -13.22 0.46 -4.72
CA GLU A 157 -12.42 -0.27 -5.70
C GLU A 157 -11.48 0.68 -6.45
N ALA A 158 -10.23 0.26 -6.60
CA ALA A 158 -9.25 1.16 -7.17
C ALA A 158 -8.21 0.33 -7.94
N HIS A 159 -8.69 -0.35 -8.97
CA HIS A 159 -7.88 -1.23 -9.79
C HIS A 159 -6.95 -0.42 -10.70
N GLY A 160 -5.92 -1.10 -11.22
CA GLY A 160 -4.95 -0.48 -12.12
C GLY A 160 -3.50 -0.72 -11.74
N HIS A 161 -3.13 -0.26 -10.55
CA HIS A 161 -1.85 -0.67 -9.96
C HIS A 161 -1.77 -2.19 -9.89
N SER A 162 -2.85 -2.81 -9.41
CA SER A 162 -3.07 -4.25 -9.46
C SER A 162 -4.56 -4.48 -9.66
N ASP A 163 -4.95 -5.71 -10.02
CA ASP A 163 -6.33 -6.01 -10.43
C ASP A 163 -7.25 -6.28 -9.23
N ASP A 164 -6.71 -6.22 -8.01
CA ASP A 164 -7.46 -6.44 -6.77
C ASP A 164 -7.53 -5.21 -5.88
N HIS A 165 -6.88 -4.10 -6.24
CA HIS A 165 -6.56 -3.04 -5.28
C HIS A 165 -7.81 -2.28 -4.86
N VAL A 166 -7.90 -1.95 -3.56
CA VAL A 166 -8.96 -1.13 -3.00
C VAL A 166 -8.32 -0.10 -2.06
N VAL A 167 -9.06 0.99 -1.80
CA VAL A 167 -8.67 2.02 -0.84
C VAL A 167 -9.78 2.14 0.21
N PHE A 168 -9.48 2.85 1.30
CA PHE A 168 -10.37 2.93 2.45
C PHE A 168 -10.51 4.40 2.84
N TYR A 169 -11.74 4.89 2.89
CA TYR A 169 -12.00 6.31 3.08
C TYR A 169 -12.76 6.57 4.37
N ASP A 170 -12.18 7.38 5.24
CA ASP A 170 -12.79 7.85 6.48
C ASP A 170 -13.29 9.27 6.25
N VAL A 171 -14.59 9.42 5.98
CA VAL A 171 -15.05 10.75 5.58
C VAL A 171 -15.05 11.69 6.78
N ARG A 172 -15.31 11.15 8.00
CA ARG A 172 -15.27 11.98 9.20
C ARG A 172 -13.98 12.76 9.29
N ARG A 173 -12.84 12.12 8.99
CA ARG A 173 -11.53 12.73 9.10
C ARG A 173 -10.96 13.16 7.74
N ARG A 174 -11.75 13.06 6.69
CA ARG A 174 -11.29 13.33 5.33
C ARG A 174 -9.93 12.65 5.09
N ARG A 175 -9.88 11.36 5.40
CA ARG A 175 -8.65 10.58 5.45
C ARG A 175 -8.77 9.40 4.51
N LEU A 176 -7.84 9.30 3.57
CA LEU A 176 -7.86 8.20 2.60
C LEU A 176 -6.61 7.35 2.75
N PHE A 177 -6.80 6.08 3.09
CA PHE A 177 -5.73 5.07 2.96
C PHE A 177 -5.73 4.61 1.51
N CYS A 178 -4.79 5.08 0.71
CA CYS A 178 -4.84 4.90 -0.74
C CYS A 178 -3.91 3.82 -1.28
N GLY A 179 -3.22 3.05 -0.43
CA GLY A 179 -2.37 1.99 -0.97
C GLY A 179 -1.37 2.55 -1.97
N ASP A 180 -1.20 1.83 -3.08
CA ASP A 180 -0.29 2.24 -4.16
C ASP A 180 -1.02 2.86 -5.36
N ALA A 181 -2.30 3.21 -5.21
CA ALA A 181 -3.12 3.61 -6.36
C ALA A 181 -2.73 4.98 -6.92
N LEU A 182 -2.06 5.83 -6.13
CA LEU A 182 -1.58 7.12 -6.63
C LEU A 182 -0.12 7.05 -7.05
N GLY A 183 0.51 5.90 -6.85
CA GLY A 183 1.92 5.71 -7.14
C GLY A 183 2.78 5.83 -5.89
N GLU A 184 4.07 6.12 -6.12
CA GLU A 184 5.09 6.25 -5.07
C GLU A 184 5.41 7.73 -4.88
N PHE A 185 5.28 8.24 -3.67
CA PHE A 185 5.50 9.66 -3.46
C PHE A 185 7.00 9.89 -3.40
N ASP A 186 7.49 10.79 -4.25
CA ASP A 186 8.92 11.14 -4.32
C ASP A 186 9.25 12.11 -3.20
N GLU A 187 9.99 11.61 -2.20
CA GLU A 187 10.33 12.42 -1.02
C GLU A 187 11.25 13.57 -1.35
N ALA A 188 12.09 13.45 -2.38
CA ALA A 188 13.04 14.52 -2.70
C ALA A 188 12.40 15.64 -3.50
N GLU A 189 11.46 15.31 -4.38
CA GLU A 189 10.92 16.26 -5.33
C GLU A 189 9.46 16.61 -5.08
N GLY A 190 8.76 15.90 -4.22
CA GLY A 190 7.43 16.27 -3.86
C GLY A 190 6.35 15.93 -4.88
N VAL A 191 6.59 14.94 -5.74
CA VAL A 191 5.63 14.57 -6.77
C VAL A 191 5.38 13.06 -6.74
N TRP A 192 4.28 12.65 -7.38
CA TRP A 192 3.94 11.23 -7.50
C TRP A 192 4.69 10.60 -8.67
N ARG A 193 5.24 9.41 -8.43
CA ARG A 193 5.80 8.55 -9.47
C ARG A 193 4.79 7.45 -9.79
N PRO A 194 4.36 7.27 -11.03
CA PRO A 194 3.29 6.29 -11.29
C PRO A 194 3.75 4.86 -11.01
N LEU A 195 2.79 4.02 -10.59
CA LEU A 195 3.01 2.58 -10.37
C LEU A 195 1.88 1.82 -11.10
N VAL A 196 1.99 1.76 -12.40
CA VAL A 196 0.97 1.14 -13.25
C VAL A 196 1.45 -0.25 -13.61
N PHE A 197 1.07 -1.26 -12.81
CA PHE A 197 1.57 -2.61 -13.04
C PHE A 197 0.50 -3.59 -13.46
N ASP A 198 -0.74 -3.15 -13.68
CA ASP A 198 -1.71 -4.06 -14.26
C ASP A 198 -2.49 -3.45 -15.43
N ASP A 199 -3.08 -2.26 -15.29
CA ASP A 199 -3.97 -1.76 -16.34
C ASP A 199 -3.98 -0.24 -16.29
N MET A 200 -3.51 0.40 -17.35
CA MET A 200 -3.43 1.87 -17.35
C MET A 200 -4.82 2.51 -17.31
N GLU A 201 -5.74 2.03 -18.13
CA GLU A 201 -7.07 2.64 -18.17
C GLU A 201 -7.76 2.54 -16.81
N ALA A 202 -7.63 1.39 -16.15
CA ALA A 202 -8.24 1.25 -14.84
C ALA A 202 -7.57 2.17 -13.83
N TYR A 203 -6.24 2.27 -13.90
CA TYR A 203 -5.47 3.11 -12.97
C TYR A 203 -5.92 4.55 -13.03
N LEU A 204 -6.08 5.09 -14.25
CA LEU A 204 -6.52 6.47 -14.45
C LEU A 204 -7.97 6.67 -14.03
N GLU A 205 -8.86 5.73 -14.36
CA GLU A 205 -10.26 5.84 -13.98
C GLU A 205 -10.46 5.79 -12.47
N SER A 206 -9.64 4.99 -11.76
CA SER A 206 -9.68 4.99 -10.31
C SER A 206 -9.29 6.38 -9.75
N LEU A 207 -8.31 7.03 -10.36
CA LEU A 207 -7.91 8.35 -9.88
C LEU A 207 -8.98 9.41 -10.17
N GLU A 208 -9.65 9.33 -11.35
CA GLU A 208 -10.78 10.19 -11.64
C GLU A 208 -11.86 10.08 -10.57
N ARG A 209 -12.19 8.85 -10.16
CA ARG A 209 -13.22 8.66 -9.15
C ARG A 209 -12.75 9.19 -7.79
N LEU A 210 -11.50 8.86 -7.41
CA LEU A 210 -11.00 9.30 -6.10
C LEU A 210 -10.92 10.81 -6.02
N GLN A 211 -10.64 11.48 -7.14
CA GLN A 211 -10.64 12.93 -7.18
C GLN A 211 -11.99 13.51 -6.82
N ARG A 212 -13.07 12.76 -7.04
CA ARG A 212 -14.39 13.28 -6.72
C ARG A 212 -14.74 13.20 -5.23
N LEU A 213 -13.93 12.55 -4.40
CA LEU A 213 -14.27 12.45 -2.99
C LEU A 213 -14.34 13.85 -2.36
N PRO A 214 -15.09 14.02 -1.29
CA PRO A 214 -14.97 15.27 -0.53
C PRO A 214 -13.49 15.52 -0.20
N THR A 215 -13.09 16.79 -0.30
CA THR A 215 -11.70 17.22 -0.16
C THR A 215 -10.98 16.47 0.94
N LEU A 216 -9.80 15.97 0.62
CA LEU A 216 -9.01 15.22 1.57
C LEU A 216 -8.24 16.14 2.50
N LEU A 217 -8.10 15.72 3.75
CA LEU A 217 -7.19 16.37 4.68
C LEU A 217 -5.93 15.56 4.97
N GLN A 218 -6.04 14.23 4.96
CA GLN A 218 -4.93 13.33 5.24
C GLN A 218 -4.91 12.24 4.19
N LEU A 219 -3.78 12.07 3.53
CA LEU A 219 -3.65 11.07 2.47
C LEU A 219 -2.52 10.13 2.85
N ILE A 220 -2.84 8.84 2.94
CA ILE A 220 -1.92 7.87 3.54
C ILE A 220 -1.68 6.76 2.53
N PRO A 221 -0.62 6.87 1.73
CA PRO A 221 -0.34 5.80 0.76
C PRO A 221 0.35 4.60 1.39
N GLY A 222 0.77 3.66 0.55
CA GLY A 222 1.34 2.45 1.06
C GLY A 222 2.75 2.59 1.61
N HIS A 223 3.46 3.63 1.18
CA HIS A 223 4.86 3.83 1.52
C HIS A 223 5.06 5.31 1.80
N GLY A 224 5.80 5.62 2.88
CA GLY A 224 6.35 6.96 3.06
C GLY A 224 5.67 7.84 4.10
N GLY A 225 4.53 7.44 4.65
CA GLY A 225 3.95 8.21 5.75
C GLY A 225 2.65 8.86 5.39
N LEU A 226 2.33 9.95 6.09
CA LEU A 226 1.08 10.65 5.95
C LEU A 226 1.31 11.99 5.31
N LEU A 227 0.52 12.29 4.29
CA LEU A 227 0.53 13.56 3.57
C LEU A 227 -0.68 14.39 3.98
N ARG A 228 -0.46 15.70 4.15
CA ARG A 228 -1.55 16.58 4.55
C ARG A 228 -1.46 17.88 3.74
N GLY A 229 -2.26 18.86 4.14
CA GLY A 229 -2.37 20.12 3.44
C GLY A 229 -2.68 19.94 1.97
N ARG A 230 -2.00 20.71 1.14
CA ARG A 230 -2.25 20.65 -0.31
C ARG A 230 -1.88 19.29 -0.89
N LEU A 231 -0.89 18.59 -0.34
CA LEU A 231 -0.53 17.27 -0.88
C LEU A 231 -1.68 16.31 -0.78
N ALA A 232 -2.44 16.36 0.30
CA ALA A 232 -3.62 15.51 0.39
C ALA A 232 -4.73 16.04 -0.50
N ALA A 233 -4.98 17.34 -0.46
CA ALA A 233 -6.12 17.85 -1.23
C ALA A 233 -5.92 17.60 -2.72
N ASP A 234 -4.69 17.72 -3.21
CA ASP A 234 -4.44 17.63 -4.64
C ASP A 234 -3.92 16.27 -5.06
N GLY A 235 -3.85 15.28 -4.17
CA GLY A 235 -3.06 14.09 -4.46
C GLY A 235 -3.54 13.31 -5.68
N ALA A 236 -4.84 12.99 -5.73
CA ALA A 236 -5.39 12.17 -6.82
C ALA A 236 -5.21 12.85 -8.18
N GLU A 237 -5.49 14.15 -8.24
CA GLU A 237 -5.32 14.91 -9.48
C GLU A 237 -3.87 14.93 -9.92
N SER A 238 -2.96 15.17 -8.96
CA SER A 238 -1.53 15.22 -9.28
C SER A 238 -1.02 13.86 -9.72
N ALA A 239 -1.46 12.79 -9.05
CA ALA A 239 -1.08 11.44 -9.46
C ALA A 239 -1.51 11.16 -10.90
N TYR A 240 -2.73 11.59 -11.25
CA TYR A 240 -3.23 11.41 -12.60
C TYR A 240 -2.37 12.17 -13.60
N THR A 241 -2.05 13.44 -13.28
CA THR A 241 -1.29 14.19 -14.26
CA THR A 241 -1.24 14.27 -14.17
C THR A 241 0.16 13.69 -14.33
N GLU A 242 0.72 13.12 -13.25
CA GLU A 242 2.04 12.52 -13.39
C GLU A 242 2.00 11.27 -14.26
N CYS A 243 0.90 10.52 -14.23
CA CYS A 243 0.85 9.33 -15.08
C CYS A 243 0.84 9.72 -16.55
N LEU A 244 0.06 10.75 -16.90
CA LEU A 244 0.02 11.23 -18.28
C LEU A 244 1.37 11.76 -18.72
N ARG A 245 2.09 12.42 -17.80
CA ARG A 245 3.43 12.94 -18.10
C ARG A 245 4.35 11.81 -18.49
N LEU A 246 4.21 10.67 -17.82
CA LEU A 246 5.05 9.53 -18.13
C LEU A 246 4.66 8.93 -19.47
N CYS A 247 3.36 8.93 -19.79
N CYS A 247 3.37 8.95 -19.81
CA CYS A 247 2.93 8.43 -21.10
CA CYS A 247 2.96 8.41 -21.09
C CYS A 247 3.55 9.27 -22.22
C CYS A 247 3.47 9.26 -22.24
N ARG A 248 3.46 10.59 -22.08
CA ARG A 248 4.03 11.47 -23.08
C ARG A 248 5.52 11.23 -23.21
N ARG A 249 6.17 11.04 -22.09
CA ARG A 249 7.60 10.81 -22.10
C ARG A 249 7.95 9.55 -22.87
N LEU A 250 7.21 8.46 -22.58
CA LEU A 250 7.39 7.20 -23.30
C LEU A 250 7.21 7.40 -24.80
N LEU A 251 6.07 8.01 -25.20
CA LEU A 251 5.82 8.30 -26.61
C LEU A 251 6.93 9.14 -27.22
N TRP A 252 7.44 10.13 -26.49
CA TRP A 252 8.47 10.98 -27.07
C TRP A 252 9.71 10.15 -27.39
N ARG A 253 10.10 9.28 -26.47
CA ARG A 253 11.34 8.54 -26.71
C ARG A 253 11.17 7.47 -27.77
N GLN A 254 10.07 6.74 -27.72
CA GLN A 254 9.80 5.79 -28.78
C GLN A 254 9.86 6.46 -30.15
N SER A 255 9.30 7.67 -30.26
CA SER A 255 9.31 8.41 -31.52
C SER A 255 10.71 8.81 -31.96
N MET A 256 11.69 8.75 -31.06
CA MET A 256 13.07 8.87 -31.44
C MET A 256 13.72 7.50 -31.63
N GLY A 257 12.92 6.44 -31.76
CA GLY A 257 13.40 5.12 -32.09
C GLY A 257 13.99 4.33 -30.96
N GLU A 258 13.77 4.76 -29.72
CA GLU A 258 14.33 4.10 -28.54
C GLU A 258 13.56 2.83 -28.20
N SER A 259 14.25 1.88 -27.57
CA SER A 259 13.57 0.73 -27.01
C SER A 259 13.05 1.04 -25.62
N LEU A 260 12.01 0.29 -25.20
CA LEU A 260 11.49 0.43 -23.86
C LEU A 260 12.58 0.28 -22.81
N ASP A 261 13.66 -0.41 -23.15
CA ASP A 261 14.68 -0.66 -22.15
C ASP A 261 15.44 0.60 -21.77
N GLU A 262 15.46 1.61 -22.65
CA GLU A 262 16.20 2.81 -22.33
C GLU A 262 15.50 3.62 -21.23
N LEU A 263 14.24 4.00 -21.45
CA LEU A 263 13.53 4.69 -20.38
C LEU A 263 13.40 3.81 -19.14
N SER A 264 13.33 2.48 -19.30
CA SER A 264 13.24 1.62 -18.12
C SER A 264 14.44 1.82 -17.22
N GLU A 265 15.65 1.77 -17.80
CA GLU A 265 16.88 1.92 -17.02
C GLU A 265 16.98 3.33 -16.45
N GLU A 266 16.56 4.33 -17.19
CA GLU A 266 16.56 5.68 -16.65
C GLU A 266 15.59 5.79 -15.46
N LEU A 267 14.38 5.22 -15.57
CA LEU A 267 13.45 5.25 -14.43
C LEU A 267 14.00 4.46 -13.25
N HIS A 268 14.62 3.31 -13.52
CA HIS A 268 15.22 2.57 -12.42
C HIS A 268 16.30 3.42 -11.76
N ARG A 269 17.12 4.09 -12.56
CA ARG A 269 18.18 4.93 -12.01
C ARG A 269 17.61 6.11 -11.23
N ALA A 270 16.61 6.78 -11.78
CA ALA A 270 16.08 7.98 -11.13
C ALA A 270 15.19 7.65 -9.93
N TRP A 271 14.55 6.49 -9.92
CA TRP A 271 13.52 6.20 -8.93
C TRP A 271 13.78 5.00 -8.04
N GLY A 272 14.72 4.11 -8.40
CA GLY A 272 14.85 2.85 -7.69
C GLY A 272 15.46 2.97 -6.29
N GLY A 273 16.11 4.08 -5.98
CA GLY A 273 16.82 4.18 -4.72
C GLY A 273 15.90 4.29 -3.52
N GLN A 274 14.69 4.83 -3.71
CA GLN A 274 13.83 5.07 -2.57
C GLN A 274 13.38 3.76 -1.93
N SER A 275 13.11 2.73 -2.74
CA SER A 275 12.59 1.48 -2.23
C SER A 275 13.65 0.40 -2.07
N VAL A 276 14.94 0.75 -2.15
CA VAL A 276 16.00 -0.26 -2.23
C VAL A 276 16.00 -1.20 -1.03
N ASP A 277 15.56 -0.74 0.14
CA ASP A 277 15.66 -1.57 1.35
C ASP A 277 14.50 -2.56 1.51
N PHE A 278 13.44 -2.48 0.71
CA PHE A 278 12.33 -3.41 0.80
C PHE A 278 11.90 -3.97 -0.56
N LEU A 279 12.64 -3.69 -1.61
CA LEU A 279 12.32 -4.18 -2.95
C LEU A 279 13.58 -4.72 -3.61
N PRO A 280 13.68 -5.99 -3.95
CA PRO A 280 14.83 -6.43 -4.76
C PRO A 280 14.96 -5.60 -6.03
N GLY A 281 16.17 -5.09 -6.28
CA GLY A 281 16.37 -4.18 -7.39
C GLY A 281 16.01 -4.77 -8.74
N GLU A 282 16.19 -6.09 -8.90
CA GLU A 282 15.67 -6.71 -10.11
C GLU A 282 14.19 -6.44 -10.24
N LEU A 283 13.45 -6.51 -9.11
CA LEU A 283 12.01 -6.27 -9.18
C LEU A 283 11.70 -4.84 -9.53
N HIS A 284 12.48 -3.89 -9.01
CA HIS A 284 12.22 -2.50 -9.36
C HIS A 284 12.41 -2.26 -10.85
N LEU A 285 13.57 -2.68 -11.39
CA LEU A 285 13.83 -2.48 -12.82
C LEU A 285 12.80 -3.21 -13.68
N GLY A 286 12.52 -4.46 -13.34
CA GLY A 286 11.53 -5.22 -14.10
C GLY A 286 10.14 -4.61 -13.98
N SER A 287 9.80 -4.07 -12.80
CA SER A 287 8.53 -3.38 -12.63
C SER A 287 8.46 -2.13 -13.49
N MET A 288 9.53 -1.36 -13.56
CA MET A 288 9.56 -0.24 -14.49
C MET A 288 9.30 -0.70 -15.92
N ARG A 289 9.92 -1.82 -16.32
CA ARG A 289 9.74 -2.34 -17.67
C ARG A 289 8.29 -2.77 -17.89
N ARG A 290 7.73 -3.56 -16.96
CA ARG A 290 6.33 -3.98 -17.05
C ARG A 290 5.39 -2.79 -17.21
N MET A 291 5.60 -1.75 -16.40
CA MET A 291 4.76 -0.54 -16.49
C MET A 291 4.84 0.10 -17.89
N LEU A 292 6.05 0.24 -18.44
CA LEU A 292 6.17 0.85 -19.76
C LEU A 292 5.56 -0.02 -20.83
N GLU A 293 5.64 -1.34 -20.65
CA GLU A 293 4.96 -2.26 -21.55
C GLU A 293 3.45 -2.05 -21.52
N ILE A 294 2.89 -1.86 -20.33
CA ILE A 294 1.46 -1.59 -20.20
C ILE A 294 1.11 -0.24 -20.85
N LEU A 295 1.88 0.81 -20.54
CA LEU A 295 1.57 2.11 -21.12
C LEU A 295 1.70 2.09 -22.64
N SER A 296 2.65 1.32 -23.15
CA SER A 296 2.93 1.30 -24.59
C SER A 296 1.81 0.60 -25.34
N ARG A 297 1.26 -0.47 -24.75
CA ARG A 297 0.17 -1.20 -25.38
C ARG A 297 -1.11 -0.39 -25.39
N GLN A 298 -1.46 0.23 -24.26
CA GLN A 298 -2.69 0.99 -24.15
C GLN A 298 -2.51 2.45 -24.53
N ALA A 299 -1.42 2.79 -25.21
CA ALA A 299 -1.24 4.14 -25.73
C ALA A 299 -0.40 4.10 -27.00
FE FE B . 1.77 -2.63 -4.84
FE FE C . 3.78 -1.34 -2.44
C10 61O D . 5.99 -3.55 -6.76
C13 61O D . 4.79 -6.07 -6.59
C15 61O D . 5.72 -4.18 -5.55
C01 61O D . 8.29 -0.85 -7.84
C02 61O D . 7.66 -2.09 -7.72
C03 61O D . 6.61 -2.28 -6.83
C04 61O D . 6.23 -1.18 -6.03
C05 61O D . 6.90 0.03 -6.14
C06 61O D . 7.92 0.22 -7.05
C07 61O D . 5.06 -1.29 -5.07
O08 61O D . 5.09 -0.91 -3.86
O09 61O D . 3.99 -1.77 -5.60
C11 61O D . 5.65 -4.28 -7.92
C12 61O D . 5.05 -5.53 -7.84
N14 61O D . 5.14 -5.40 -5.48
H131 61O D . 4.38 -6.96 -6.53
H151 61O D . 5.95 -3.72 -4.72
H011 61O D . 9.05 -0.76 -8.46
H021 61O D . 7.95 -2.82 -8.28
H051 61O D . 6.60 0.79 -5.60
H061 61O D . 8.38 1.09 -7.12
H111 61O D . 5.82 -3.89 -8.80
H121 61O D . 4.81 -6.01 -8.65
#